data_4ABM
#
_entry.id   4ABM
#
_cell.length_a   37.590
_cell.length_b   71.430
_cell.length_c   123.680
_cell.angle_alpha   90.00
_cell.angle_beta   90.00
_cell.angle_gamma   90.00
#
_symmetry.space_group_name_H-M   'P 21 21 21'
#
loop_
_entity.id
_entity.type
_entity.pdbx_description
1 polymer 'CHARGED MULTIVESICULAR BODY PROTEIN 4B'
2 water water
#
_entity_poly.entity_id   1
_entity_poly.type   'polypeptide(L)'
_entity_poly.pdbx_seq_one_letter_code
;GAMEQEAIQRLRDTEEMLSKKQEFLEKKIEQELTAAKKHGTKNKRAALQALKRKKRYEKQLAQIDGTLSTIEFQREALE
;
_entity_poly.pdbx_strand_id   A,B,C,D
#
# COMPACT_ATOMS: atom_id res chain seq x y z
N GLY A 1 3.16 19.12 11.82
CA GLY A 1 3.89 19.39 13.09
C GLY A 1 5.23 18.66 13.08
N ALA A 2 5.92 18.67 14.23
CA ALA A 2 7.27 18.06 14.32
C ALA A 2 7.21 16.58 13.98
N MET A 3 6.17 15.91 14.47
CA MET A 3 6.07 14.41 14.29
C MET A 3 5.86 14.08 12.85
N GLU A 4 4.98 14.84 12.19
CA GLU A 4 4.71 14.65 10.79
C GLU A 4 5.98 14.92 9.96
N GLN A 5 6.73 15.98 10.31
CA GLN A 5 7.97 16.27 9.57
C GLN A 5 9.04 15.16 9.74
N GLU A 6 9.13 14.57 10.94
CA GLU A 6 10.07 13.46 11.13
C GLU A 6 9.64 12.24 10.28
N ALA A 7 8.39 11.85 10.41
CA ALA A 7 7.82 10.78 9.54
C ALA A 7 8.04 11.05 8.04
N ILE A 8 7.88 12.30 7.63
CA ILE A 8 7.98 12.66 6.24
C ILE A 8 9.45 12.52 5.81
N GLN A 9 10.38 12.84 6.72
CA GLN A 9 11.80 12.66 6.35
C GLN A 9 12.22 11.17 6.28
N ARG A 10 11.73 10.37 7.21
N ARG A 10 11.75 10.35 7.23
CA ARG A 10 12.02 8.96 7.18
CA ARG A 10 11.99 8.92 7.16
C ARG A 10 11.39 8.32 5.91
C ARG A 10 11.44 8.37 5.85
N LEU A 11 10.25 8.84 5.48
CA LEU A 11 9.65 8.41 4.18
C LEU A 11 10.54 8.78 2.98
N ARG A 12 11.08 10.03 2.98
CA ARG A 12 12.03 10.44 1.96
C ARG A 12 13.26 9.54 1.92
N ASP A 13 13.85 9.26 3.10
CA ASP A 13 15.03 8.41 3.16
C ASP A 13 14.71 6.97 2.55
N THR A 14 13.51 6.47 2.82
CA THR A 14 13.07 5.22 2.25
C THR A 14 12.90 5.28 0.75
N GLU A 15 12.32 6.34 0.26
CA GLU A 15 12.21 6.56 -1.22
C GLU A 15 13.55 6.55 -1.91
N GLU A 16 14.54 7.20 -1.29
CA GLU A 16 15.87 7.27 -1.86
C GLU A 16 16.43 5.86 -1.94
N MET A 17 16.27 5.08 -0.87
CA MET A 17 16.79 3.69 -0.85
C MET A 17 16.10 2.89 -1.95
N LEU A 18 14.78 3.08 -2.07
CA LEU A 18 14.01 2.29 -3.00
C LEU A 18 14.38 2.63 -4.43
N SER A 19 14.56 3.92 -4.71
CA SER A 19 14.96 4.35 -6.07
C SER A 19 16.29 3.78 -6.46
N LYS A 20 17.20 3.63 -5.49
CA LYS A 20 18.52 3.01 -5.80
C LYS A 20 18.35 1.54 -6.22
N LYS A 21 17.51 0.80 -5.49
CA LYS A 21 17.24 -0.63 -5.84
C LYS A 21 16.51 -0.72 -7.16
N GLN A 22 15.60 0.22 -7.40
CA GLN A 22 14.90 0.30 -8.66
C GLN A 22 15.89 0.44 -9.83
N GLU A 23 16.83 1.35 -9.71
CA GLU A 23 17.76 1.61 -10.81
C GLU A 23 18.67 0.37 -11.06
N PHE A 24 19.06 -0.29 -9.96
CA PHE A 24 19.81 -1.60 -10.03
C PHE A 24 19.03 -2.67 -10.82
N LEU A 25 17.75 -2.85 -10.45
CA LEU A 25 16.93 -3.89 -11.07
C LEU A 25 16.63 -3.57 -12.48
N GLU A 26 16.36 -2.31 -12.77
CA GLU A 26 16.09 -1.87 -14.19
C GLU A 26 17.30 -2.15 -15.07
N LYS A 27 18.48 -1.83 -14.56
CA LYS A 27 19.73 -2.11 -15.31
C LYS A 27 19.89 -3.63 -15.55
N LYS A 28 19.64 -4.43 -14.51
CA LYS A 28 19.78 -5.88 -14.61
C LYS A 28 18.84 -6.48 -15.64
N ILE A 29 17.61 -5.97 -15.68
CA ILE A 29 16.64 -6.41 -16.66
C ILE A 29 17.10 -6.04 -18.10
N GLU A 30 17.54 -4.78 -18.29
CA GLU A 30 18.08 -4.32 -19.58
C GLU A 30 19.22 -5.20 -20.02
N GLN A 31 20.09 -5.55 -19.08
CA GLN A 31 21.23 -6.43 -19.38
C GLN A 31 20.78 -7.83 -19.80
N GLU A 32 19.71 -8.34 -19.18
CA GLU A 32 19.21 -9.70 -19.50
C GLU A 32 18.56 -9.72 -20.90
N LEU A 33 17.83 -8.67 -21.24
CA LEU A 33 17.23 -8.61 -22.57
C LEU A 33 18.31 -8.49 -23.67
N THR A 34 19.34 -7.72 -23.40
CA THR A 34 20.42 -7.58 -24.34
C THR A 34 21.13 -8.92 -24.56
N ALA A 35 21.40 -9.61 -23.45
CA ALA A 35 22.09 -10.92 -23.47
C ALA A 35 21.24 -11.99 -24.13
N ALA A 36 19.92 -11.91 -23.95
CA ALA A 36 19.00 -12.90 -24.56
C ALA A 36 19.00 -12.80 -26.11
N LYS A 37 19.05 -11.57 -26.61
CA LYS A 37 19.12 -11.32 -28.06
C LYS A 37 20.47 -11.78 -28.66
N LYS A 38 21.57 -11.51 -27.94
CA LYS A 38 22.92 -11.93 -28.41
C LYS A 38 23.06 -13.47 -28.43
N HIS A 39 22.64 -14.12 -27.34
CA HIS A 39 22.85 -15.56 -27.16
C HIS A 39 21.89 -16.39 -28.00
N GLY A 40 20.65 -15.89 -28.18
CA GLY A 40 19.70 -16.48 -29.14
C GLY A 40 19.29 -17.91 -28.81
N THR A 41 19.48 -18.80 -29.77
CA THR A 41 19.16 -20.22 -29.59
C THR A 41 20.43 -21.08 -29.37
N LYS A 42 21.45 -20.50 -28.73
CA LYS A 42 22.77 -21.18 -28.60
C LYS A 42 22.74 -22.31 -27.52
N ASN A 43 21.99 -22.09 -26.45
CA ASN A 43 22.05 -23.00 -25.29
C ASN A 43 20.78 -22.93 -24.49
N LYS A 44 19.97 -23.98 -24.59
CA LYS A 44 18.63 -24.01 -23.89
C LYS A 44 18.73 -23.88 -22.38
N ARG A 45 19.64 -24.66 -21.77
CA ARG A 45 19.79 -24.61 -20.31
C ARG A 45 20.10 -23.16 -19.83
N ALA A 46 21.08 -22.51 -20.47
CA ALA A 46 21.46 -21.15 -20.09
C ALA A 46 20.32 -20.14 -20.35
N ALA A 47 19.60 -20.33 -21.46
CA ALA A 47 18.42 -19.45 -21.75
C ALA A 47 17.33 -19.61 -20.70
N LEU A 48 17.02 -20.85 -20.34
CA LEU A 48 16.02 -21.06 -19.27
C LEU A 48 16.44 -20.43 -17.92
N GLN A 49 17.71 -20.58 -17.56
CA GLN A 49 18.27 -19.95 -16.35
C GLN A 49 18.14 -18.42 -16.42
N ALA A 50 18.46 -17.86 -17.57
CA ALA A 50 18.40 -16.40 -17.77
C ALA A 50 16.94 -15.88 -17.70
N LEU A 51 16.02 -16.64 -18.26
CA LEU A 51 14.60 -16.28 -18.22
C LEU A 51 14.11 -16.31 -16.80
N LYS A 52 14.58 -17.28 -16.04
CA LYS A 52 14.33 -17.33 -14.59
C LYS A 52 14.87 -16.08 -13.85
N ARG A 53 16.08 -15.66 -14.19
CA ARG A 53 16.68 -14.48 -13.49
C ARG A 53 15.90 -13.23 -13.83
N LYS A 54 15.58 -13.07 -15.11
CA LYS A 54 14.86 -11.92 -15.55
C LYS A 54 13.51 -11.83 -14.91
N LYS A 55 12.81 -12.96 -14.80
CA LYS A 55 11.49 -12.95 -14.12
C LYS A 55 11.59 -12.56 -12.64
N ARG A 56 12.65 -13.02 -11.97
CA ARG A 56 12.86 -12.66 -10.56
C ARG A 56 13.08 -11.17 -10.41
N TYR A 57 13.90 -10.60 -11.26
CA TYR A 57 14.19 -9.14 -11.18
C TYR A 57 12.91 -8.35 -11.48
N GLU A 58 12.17 -8.80 -12.49
CA GLU A 58 10.87 -8.13 -12.82
C GLU A 58 9.88 -8.18 -11.67
N LYS A 59 9.83 -9.33 -10.97
CA LYS A 59 8.95 -9.47 -9.80
C LYS A 59 9.43 -8.55 -8.62
N GLN A 60 10.72 -8.51 -8.38
CA GLN A 60 11.31 -7.64 -7.35
C GLN A 60 11.06 -6.21 -7.70
N LEU A 61 11.20 -5.87 -8.98
CA LEU A 61 10.96 -4.50 -9.43
C LEU A 61 9.53 -4.08 -9.26
N ALA A 62 8.59 -4.98 -9.61
CA ALA A 62 7.17 -4.63 -9.50
C ALA A 62 6.84 -4.33 -8.02
N GLN A 63 7.44 -5.09 -7.11
CA GLN A 63 7.23 -4.89 -5.70
C GLN A 63 7.76 -3.54 -5.29
N ILE A 64 9.00 -3.27 -5.66
CA ILE A 64 9.65 -1.99 -5.32
C ILE A 64 8.83 -0.78 -5.83
N ASP A 65 8.32 -0.88 -7.06
CA ASP A 65 7.57 0.22 -7.65
C ASP A 65 6.26 0.45 -6.92
N GLY A 66 5.66 -0.65 -6.44
CA GLY A 66 4.42 -0.55 -5.70
C GLY A 66 4.66 0.10 -4.33
N THR A 67 5.74 -0.30 -3.68
CA THR A 67 6.12 0.27 -2.39
C THR A 67 6.43 1.74 -2.55
N LEU A 68 7.15 2.09 -3.61
CA LEU A 68 7.55 3.49 -3.81
C LEU A 68 6.32 4.41 -3.96
N SER A 69 5.33 3.99 -4.75
CA SER A 69 4.13 4.84 -4.91
C SER A 69 3.43 4.96 -3.59
N THR A 70 3.26 3.83 -2.89
CA THR A 70 2.60 3.87 -1.62
C THR A 70 3.31 4.85 -0.63
N ILE A 71 4.63 4.78 -0.56
CA ILE A 71 5.41 5.66 0.34
C ILE A 71 5.29 7.12 -0.08
N GLU A 72 5.41 7.38 -1.38
CA GLU A 72 5.21 8.74 -1.91
C GLU A 72 3.83 9.31 -1.51
N PHE A 73 2.78 8.53 -1.73
CA PHE A 73 1.44 9.02 -1.40
C PHE A 73 1.24 9.22 0.09
N GLN A 74 1.74 8.30 0.89
CA GLN A 74 1.73 8.49 2.38
C GLN A 74 2.45 9.78 2.81
N ARG A 75 3.62 10.05 2.25
CA ARG A 75 4.34 11.28 2.55
C ARG A 75 3.48 12.49 2.21
N GLU A 76 2.92 12.47 1.00
CA GLU A 76 2.13 13.64 0.56
C GLU A 76 0.91 13.86 1.47
N ALA A 77 0.39 12.78 2.02
CA ALA A 77 -0.78 12.83 2.91
C ALA A 77 -0.47 13.43 4.29
N LEU A 78 0.81 13.39 4.66
CA LEU A 78 1.22 13.93 5.98
C LEU A 78 1.60 15.39 5.89
N GLU A 79 1.92 15.84 4.67
CA GLU A 79 2.20 17.26 4.38
C GLU A 79 0.88 17.92 4.14
N GLY B 1 25.08 -8.51 3.67
CA GLY B 1 25.94 -7.75 4.63
C GLY B 1 25.49 -6.30 4.80
N ALA B 2 26.45 -5.43 5.13
CA ALA B 2 26.14 -4.08 5.65
C ALA B 2 25.12 -3.31 4.81
N MET B 3 25.34 -3.25 3.50
CA MET B 3 24.45 -2.48 2.59
C MET B 3 22.99 -3.00 2.63
N GLU B 4 22.84 -4.32 2.69
N GLU B 4 22.83 -4.32 2.73
CA GLU B 4 21.51 -4.97 2.79
CA GLU B 4 21.49 -4.93 2.73
C GLU B 4 20.83 -4.59 4.08
C GLU B 4 20.77 -4.73 4.09
N GLN B 5 21.54 -4.74 5.18
CA GLN B 5 21.01 -4.41 6.49
C GLN B 5 20.56 -2.97 6.54
N GLU B 6 21.30 -2.07 5.86
CA GLU B 6 20.96 -0.62 5.84
C GLU B 6 19.61 -0.40 5.21
N ALA B 7 19.34 -1.13 4.11
CA ALA B 7 18.11 -0.96 3.42
C ALA B 7 16.96 -1.39 4.33
N ILE B 8 17.15 -2.50 5.03
N ILE B 8 17.18 -2.49 5.04
CA ILE B 8 16.12 -2.97 5.95
CA ILE B 8 16.21 -3.02 5.94
C ILE B 8 15.94 -2.00 7.12
C ILE B 8 15.97 -2.04 7.12
N GLN B 9 17.03 -1.39 7.57
CA GLN B 9 16.94 -0.43 8.62
C GLN B 9 16.14 0.83 8.21
N ARG B 10 16.29 1.26 6.95
CA ARG B 10 15.49 2.39 6.47
C ARG B 10 14.01 2.04 6.60
N LEU B 11 13.65 0.80 6.25
CA LEU B 11 12.26 0.42 6.28
C LEU B 11 11.78 0.34 7.72
N ARG B 12 12.63 -0.17 8.59
CA ARG B 12 12.29 -0.26 9.99
C ARG B 12 12.08 1.12 10.62
N ASP B 13 12.95 2.08 10.27
CA ASP B 13 12.81 3.49 10.84
C ASP B 13 11.48 4.07 10.41
N THR B 14 11.05 3.74 9.19
CA THR B 14 9.80 4.28 8.67
C THR B 14 8.62 3.65 9.36
N GLU B 15 8.68 2.36 9.55
CA GLU B 15 7.64 1.62 10.30
C GLU B 15 7.50 2.19 11.66
N GLU B 16 8.62 2.42 12.33
CA GLU B 16 8.57 2.92 13.71
C GLU B 16 7.96 4.35 13.84
N MET B 17 8.26 5.23 12.87
N MET B 17 8.27 5.21 12.87
CA MET B 17 7.64 6.55 12.86
CA MET B 17 7.68 6.54 12.85
C MET B 17 6.16 6.50 12.52
C MET B 17 6.19 6.51 12.51
N LEU B 18 5.78 5.65 11.57
CA LEU B 18 4.38 5.51 11.23
C LEU B 18 3.58 4.91 12.37
N SER B 19 4.21 3.98 13.12
CA SER B 19 3.53 3.38 14.27
C SER B 19 3.36 4.42 15.37
N LYS B 20 4.35 5.28 15.52
CA LYS B 20 4.23 6.40 16.47
C LYS B 20 3.09 7.34 16.07
N LYS B 21 2.98 7.63 14.77
CA LYS B 21 1.92 8.51 14.29
C LYS B 21 0.52 7.84 14.51
N GLN B 22 0.45 6.53 14.34
CA GLN B 22 -0.82 5.78 14.68
C GLN B 22 -1.22 5.98 16.05
N GLU B 23 -0.28 5.83 16.97
CA GLU B 23 -0.59 5.91 18.36
C GLU B 23 -1.08 7.30 18.69
N PHE B 24 -0.47 8.29 18.08
CA PHE B 24 -0.89 9.62 18.32
C PHE B 24 -2.23 9.95 17.73
N LEU B 25 -2.53 9.36 16.58
CA LEU B 25 -3.89 9.52 15.98
C LEU B 25 -4.94 8.86 16.87
N GLU B 26 -4.57 7.82 17.59
CA GLU B 26 -5.53 7.17 18.51
C GLU B 26 -5.83 8.00 19.72
N LYS B 27 -4.81 8.61 20.30
CA LYS B 27 -5.00 9.55 21.37
C LYS B 27 -5.87 10.77 20.89
N LYS B 28 -5.65 11.22 19.64
CA LYS B 28 -6.44 12.34 19.09
C LYS B 28 -7.90 12.01 18.89
N ILE B 29 -8.17 10.86 18.24
N ILE B 29 -8.16 10.85 18.30
CA ILE B 29 -9.55 10.31 18.16
CA ILE B 29 -9.53 10.38 18.10
C ILE B 29 -10.22 10.42 19.51
C ILE B 29 -10.29 10.22 19.45
N GLU B 30 -9.54 9.90 20.52
CA GLU B 30 -10.11 9.85 21.87
C GLU B 30 -10.37 11.24 22.44
N GLN B 31 -9.47 12.17 22.18
CA GLN B 31 -9.69 13.53 22.60
C GLN B 31 -10.92 14.08 21.89
N GLU B 32 -11.08 13.75 20.61
CA GLU B 32 -12.15 14.38 19.75
C GLU B 32 -13.49 13.82 20.09
N LEU B 33 -13.57 12.51 20.30
CA LEU B 33 -14.85 11.89 20.65
C LEU B 33 -15.27 12.31 22.04
N THR B 34 -14.28 12.47 22.94
CA THR B 34 -14.53 13.08 24.28
C THR B 34 -15.04 14.55 24.18
N ALA B 35 -14.41 15.37 23.35
CA ALA B 35 -14.84 16.78 23.21
C ALA B 35 -16.24 16.92 22.57
N ALA B 36 -16.55 16.04 21.60
CA ALA B 36 -17.85 16.09 20.95
C ALA B 36 -18.97 15.77 21.96
N LYS B 37 -18.68 14.83 22.87
CA LYS B 37 -19.64 14.50 23.95
C LYS B 37 -19.72 15.63 24.95
N LYS B 38 -18.60 16.26 25.23
CA LYS B 38 -18.56 17.35 26.18
C LYS B 38 -19.34 18.58 25.65
N HIS B 39 -19.28 18.81 24.34
CA HIS B 39 -19.82 20.04 23.75
C HIS B 39 -21.13 19.82 23.06
N GLY B 40 -21.60 18.57 23.07
CA GLY B 40 -22.75 18.18 22.26
C GLY B 40 -23.90 19.14 22.39
N THR B 41 -24.23 19.48 23.63
CA THR B 41 -25.42 20.32 23.91
C THR B 41 -25.08 21.84 23.90
N LYS B 42 -24.04 22.21 24.63
CA LYS B 42 -23.80 23.63 24.94
C LYS B 42 -23.05 24.38 23.82
N ASN B 43 -22.43 23.63 22.90
CA ASN B 43 -21.61 24.23 21.85
C ASN B 43 -21.64 23.34 20.57
N LYS B 44 -22.76 23.38 19.87
CA LYS B 44 -22.99 22.48 18.72
C LYS B 44 -21.93 22.67 17.66
N ARG B 45 -21.43 23.88 17.54
CA ARG B 45 -20.41 24.19 16.54
C ARG B 45 -19.09 23.44 16.82
N ALA B 46 -18.57 23.60 18.05
CA ALA B 46 -17.36 22.89 18.45
C ALA B 46 -17.56 21.38 18.29
N ALA B 47 -18.74 20.86 18.71
CA ALA B 47 -19.02 19.40 18.63
C ALA B 47 -18.97 18.87 17.20
N LEU B 48 -19.61 19.58 16.29
CA LEU B 48 -19.67 19.15 14.91
C LEU B 48 -18.25 19.11 14.31
N GLN B 49 -17.42 20.13 14.61
CA GLN B 49 -16.04 20.15 14.11
C GLN B 49 -15.19 19.08 14.71
N ALA B 50 -15.41 18.78 16.00
CA ALA B 50 -14.72 17.65 16.66
C ALA B 50 -15.00 16.35 15.87
N LEU B 51 -16.26 16.15 15.48
CA LEU B 51 -16.64 14.94 14.75
C LEU B 51 -16.06 14.89 13.35
N LYS B 52 -15.99 16.02 12.68
CA LYS B 52 -15.30 16.07 11.36
C LYS B 52 -13.81 15.75 11.46
N ARG B 53 -13.17 16.24 12.52
CA ARG B 53 -11.78 15.99 12.75
C ARG B 53 -11.55 14.53 13.09
N LYS B 54 -12.43 13.99 13.95
CA LYS B 54 -12.37 12.54 14.29
C LYS B 54 -12.40 11.67 13.00
N LYS B 55 -13.33 11.98 12.10
CA LYS B 55 -13.47 11.25 10.84
C LYS B 55 -12.18 11.40 9.97
N ARG B 56 -11.68 12.60 9.92
CA ARG B 56 -10.44 12.87 9.16
C ARG B 56 -9.26 12.04 9.76
N TYR B 57 -9.17 11.98 11.07
CA TYR B 57 -8.08 11.13 11.74
C TYR B 57 -8.29 9.65 11.48
N GLU B 58 -9.54 9.23 11.48
CA GLU B 58 -9.86 7.87 11.18
C GLU B 58 -9.41 7.47 9.77
N LYS B 59 -9.66 8.33 8.79
CA LYS B 59 -9.20 8.13 7.41
C LYS B 59 -7.66 8.11 7.31
N GLN B 60 -7.01 9.05 7.99
CA GLN B 60 -5.52 9.12 7.96
C GLN B 60 -4.92 7.85 8.57
N LEU B 61 -5.53 7.39 9.63
CA LEU B 61 -5.13 6.20 10.34
C LEU B 61 -5.22 4.91 9.43
N ALA B 62 -6.30 4.83 8.66
CA ALA B 62 -6.45 3.81 7.57
C ALA B 62 -5.37 3.85 6.50
N GLN B 63 -5.04 5.04 5.99
CA GLN B 63 -3.97 5.13 5.02
C GLN B 63 -2.69 4.59 5.64
N ILE B 64 -2.42 4.98 6.91
N ILE B 64 -2.42 4.98 6.91
CA ILE B 64 -1.18 4.56 7.59
CA ILE B 64 -1.18 4.56 7.57
C ILE B 64 -1.10 3.06 7.79
C ILE B 64 -1.10 3.06 7.82
N ASP B 65 -2.24 2.44 8.16
CA ASP B 65 -2.30 0.98 8.29
C ASP B 65 -1.90 0.31 6.95
N GLY B 66 -2.34 0.89 5.86
CA GLY B 66 -2.08 0.26 4.54
C GLY B 66 -0.62 0.45 4.18
N THR B 67 -0.07 1.59 4.54
CA THR B 67 1.37 1.85 4.34
C THR B 67 2.22 0.90 5.15
N LEU B 68 1.81 0.60 6.38
CA LEU B 68 2.55 -0.36 7.21
C LEU B 68 2.56 -1.75 6.65
N SER B 69 1.41 -2.21 6.13
N SER B 69 1.43 -2.24 6.13
CA SER B 69 1.31 -3.54 5.54
CA SER B 69 1.40 -3.58 5.54
C SER B 69 2.23 -3.63 4.31
C SER B 69 2.29 -3.62 4.31
N THR B 70 2.26 -2.54 3.53
CA THR B 70 3.16 -2.44 2.35
C THR B 70 4.63 -2.52 2.76
N ILE B 71 5.00 -1.73 3.78
N ILE B 71 5.02 -1.75 3.79
CA ILE B 71 6.37 -1.73 4.32
CA ILE B 71 6.42 -1.78 4.24
C ILE B 71 6.79 -3.11 4.80
C ILE B 71 6.81 -3.12 4.83
N GLU B 72 5.92 -3.76 5.58
CA GLU B 72 6.22 -5.10 6.13
C GLU B 72 6.48 -6.10 5.01
N PHE B 73 5.59 -6.08 4.01
CA PHE B 73 5.75 -6.95 2.89
C PHE B 73 7.09 -6.72 2.16
N GLN B 74 7.44 -5.47 1.91
CA GLN B 74 8.72 -5.11 1.22
C GLN B 74 9.90 -5.56 2.05
N ARG B 75 9.79 -5.38 3.36
CA ARG B 75 10.90 -5.71 4.27
C ARG B 75 11.11 -7.24 4.31
N GLU B 76 10.01 -8.01 4.35
CA GLU B 76 10.10 -9.50 4.28
C GLU B 76 10.80 -9.95 2.99
N ALA B 77 10.49 -9.29 1.88
CA ALA B 77 11.09 -9.64 0.62
C ALA B 77 12.61 -9.41 0.62
N LEU B 78 13.08 -8.52 1.49
CA LEU B 78 14.51 -8.19 1.52
C LEU B 78 15.28 -8.98 2.58
N GLU B 79 14.57 -9.57 3.53
N GLU B 79 14.58 -9.50 3.58
CA GLU B 79 15.20 -10.23 4.70
CA GLU B 79 15.21 -10.27 4.65
C GLU B 79 15.99 -11.48 4.30
C GLU B 79 15.33 -11.75 4.25
N GLY C 1 -30.70 -14.95 -0.26
CA GLY C 1 -31.02 -13.57 0.20
C GLY C 1 -29.84 -12.93 0.90
N ALA C 2 -29.88 -12.91 2.23
CA ALA C 2 -28.94 -12.11 3.05
C ALA C 2 -27.46 -12.30 2.63
N MET C 3 -27.06 -13.56 2.42
CA MET C 3 -25.68 -13.87 1.98
C MET C 3 -25.36 -13.26 0.61
N GLU C 4 -26.29 -13.39 -0.31
CA GLU C 4 -26.09 -12.90 -1.67
C GLU C 4 -26.08 -11.38 -1.71
N GLN C 5 -27.00 -10.78 -0.97
CA GLN C 5 -27.04 -9.32 -0.88
C GLN C 5 -25.73 -8.76 -0.29
N GLU C 6 -25.14 -9.52 0.64
CA GLU C 6 -23.88 -9.14 1.27
C GLU C 6 -22.72 -9.19 0.25
N ALA C 7 -22.68 -10.27 -0.52
CA ALA C 7 -21.68 -10.42 -1.58
C ALA C 7 -21.75 -9.27 -2.57
N ILE C 8 -22.95 -8.86 -2.92
CA ILE C 8 -23.09 -7.72 -3.81
C ILE C 8 -22.53 -6.47 -3.19
N GLN C 9 -22.84 -6.26 -1.92
CA GLN C 9 -22.42 -5.03 -1.23
C GLN C 9 -20.92 -4.94 -1.13
N ARG C 10 -20.27 -6.07 -0.83
CA ARG C 10 -18.77 -6.10 -0.73
C ARG C 10 -18.16 -5.75 -2.08
N LEU C 11 -18.75 -6.28 -3.14
CA LEU C 11 -18.23 -6.01 -4.49
C LEU C 11 -18.42 -4.54 -4.86
N ARG C 12 -19.55 -3.97 -4.49
CA ARG C 12 -19.77 -2.53 -4.69
C ARG C 12 -18.75 -1.70 -3.90
N ASP C 13 -18.48 -2.14 -2.65
CA ASP C 13 -17.47 -1.46 -1.83
C ASP C 13 -16.05 -1.51 -2.49
N THR C 14 -15.67 -2.67 -2.99
CA THR C 14 -14.37 -2.82 -3.66
C THR C 14 -14.30 -1.92 -4.93
N GLU C 15 -15.39 -1.88 -5.69
CA GLU C 15 -15.49 -1.02 -6.88
C GLU C 15 -15.35 0.47 -6.52
N GLU C 16 -16.07 0.91 -5.50
CA GLU C 16 -15.92 2.29 -5.01
C GLU C 16 -14.45 2.63 -4.62
N MET C 17 -13.80 1.71 -3.91
N MET C 17 -13.83 1.75 -3.82
CA MET C 17 -12.42 1.92 -3.45
CA MET C 17 -12.40 1.88 -3.47
C MET C 17 -11.42 1.93 -4.63
C MET C 17 -11.56 2.08 -4.73
N LEU C 18 -11.68 1.14 -5.66
CA LEU C 18 -10.90 1.18 -6.88
C LEU C 18 -11.16 2.48 -7.71
N SER C 19 -12.42 2.87 -7.85
CA SER C 19 -12.74 4.03 -8.64
C SER C 19 -12.15 5.32 -8.01
N LYS C 20 -12.15 5.40 -6.69
CA LYS C 20 -11.45 6.46 -5.97
C LYS C 20 -9.94 6.46 -6.25
N LYS C 21 -9.31 5.27 -6.27
CA LYS C 21 -7.85 5.19 -6.54
C LYS C 21 -7.53 5.54 -8.01
N GLN C 22 -8.43 5.14 -8.91
CA GLN C 22 -8.32 5.49 -10.33
C GLN C 22 -8.28 7.02 -10.52
N GLU C 23 -9.19 7.73 -9.86
CA GLU C 23 -9.27 9.16 -9.97
C GLU C 23 -8.01 9.83 -9.34
N PHE C 24 -7.59 9.30 -8.19
CA PHE C 24 -6.41 9.81 -7.53
C PHE C 24 -5.19 9.71 -8.46
N LEU C 25 -5.01 8.54 -9.07
CA LEU C 25 -3.89 8.35 -10.02
C LEU C 25 -3.96 9.23 -11.24
N GLU C 26 -5.17 9.41 -11.77
CA GLU C 26 -5.36 10.35 -12.87
C GLU C 26 -4.89 11.75 -12.52
N LYS C 27 -5.22 12.22 -11.31
CA LYS C 27 -4.74 13.53 -10.90
C LYS C 27 -3.20 13.53 -10.80
N LYS C 28 -2.64 12.48 -10.17
CA LYS C 28 -1.15 12.47 -9.93
C LYS C 28 -0.37 12.49 -11.27
N ILE C 29 -0.89 11.77 -12.25
CA ILE C 29 -0.31 11.71 -13.60
C ILE C 29 -0.34 13.06 -14.30
N GLU C 30 -1.48 13.76 -14.23
N GLU C 30 -1.47 13.75 -14.22
CA GLU C 30 -1.54 15.13 -14.79
CA GLU C 30 -1.55 15.08 -14.82
C GLU C 30 -0.54 16.04 -14.10
C GLU C 30 -0.63 16.09 -14.10
N GLN C 31 -0.48 15.94 -12.78
CA GLN C 31 0.38 16.83 -12.00
C GLN C 31 1.87 16.58 -12.31
N GLU C 32 2.23 15.33 -12.61
CA GLU C 32 3.62 15.02 -12.97
C GLU C 32 3.97 15.66 -14.30
N LEU C 33 3.05 15.56 -15.26
CA LEU C 33 3.28 16.12 -16.58
C LEU C 33 3.44 17.66 -16.50
N THR C 34 2.56 18.31 -15.74
CA THR C 34 2.76 19.75 -15.42
C THR C 34 4.12 20.02 -14.81
N ALA C 35 4.52 19.20 -13.83
CA ALA C 35 5.79 19.41 -13.15
C ALA C 35 6.93 19.21 -14.12
N ALA C 36 6.78 18.25 -15.03
CA ALA C 36 7.80 18.01 -16.07
C ALA C 36 7.97 19.24 -16.95
N LYS C 37 6.86 19.77 -17.44
CA LYS C 37 6.90 20.97 -18.28
C LYS C 37 7.41 22.22 -17.51
N LYS C 38 7.04 22.33 -16.24
CA LYS C 38 7.53 23.43 -15.40
C LYS C 38 9.06 23.43 -15.26
N HIS C 39 9.65 22.25 -15.28
CA HIS C 39 11.11 22.13 -15.26
C HIS C 39 11.67 22.26 -16.65
N GLY C 40 12.59 23.20 -16.83
CA GLY C 40 12.83 24.26 -15.83
C GLY C 40 12.96 25.65 -16.48
N THR C 41 14.17 26.21 -16.46
CA THR C 41 14.44 27.51 -17.12
C THR C 41 15.89 27.69 -17.74
N LYS C 42 16.98 27.34 -17.01
CA LYS C 42 16.98 27.01 -15.55
C LYS C 42 16.31 25.67 -15.19
N ASN C 43 16.48 24.68 -16.07
CA ASN C 43 15.84 23.38 -15.89
C ASN C 43 16.62 22.45 -14.98
N LYS C 44 16.25 21.17 -15.00
CA LYS C 44 16.63 20.25 -13.96
C LYS C 44 16.38 18.82 -14.43
N ARG C 45 17.24 17.88 -14.01
CA ARG C 45 16.96 16.44 -14.12
C ARG C 45 15.64 16.10 -13.40
N ALA C 46 15.10 17.10 -12.70
CA ALA C 46 13.77 17.00 -12.10
C ALA C 46 12.67 16.71 -13.15
N ALA C 47 12.86 17.22 -14.36
CA ALA C 47 11.90 16.98 -15.46
C ALA C 47 11.80 15.48 -15.78
N LEU C 48 12.95 14.83 -15.88
CA LEU C 48 12.98 13.39 -16.14
C LEU C 48 12.45 12.57 -14.97
N GLN C 49 12.75 13.02 -13.75
CA GLN C 49 12.28 12.34 -12.54
C GLN C 49 10.76 12.35 -12.56
N ALA C 50 10.20 13.49 -12.90
CA ALA C 50 8.75 13.65 -13.05
C ALA C 50 8.20 12.76 -14.16
N LEU C 51 8.89 12.69 -15.30
CA LEU C 51 8.43 11.80 -16.36
C LEU C 51 8.47 10.30 -15.97
N LYS C 52 9.47 9.92 -15.18
CA LYS C 52 9.62 8.54 -14.75
C LYS C 52 8.53 8.16 -13.74
N ARG C 53 8.24 9.05 -12.80
CA ARG C 53 7.11 8.79 -11.85
C ARG C 53 5.79 8.65 -12.65
N LYS C 54 5.57 9.54 -13.61
CA LYS C 54 4.35 9.53 -14.38
C LYS C 54 4.14 8.17 -15.05
N LYS C 55 5.21 7.60 -15.61
CA LYS C 55 5.10 6.29 -16.29
C LYS C 55 4.79 5.20 -15.29
N ARG C 56 5.35 5.33 -14.10
CA ARG C 56 5.04 4.37 -13.09
C ARG C 56 3.57 4.48 -12.66
N TYR C 57 3.09 5.71 -12.43
CA TYR C 57 1.68 5.89 -12.11
C TYR C 57 0.76 5.38 -13.23
N GLU C 58 1.16 5.60 -14.48
CA GLU C 58 0.34 5.16 -15.58
C GLU C 58 0.18 3.65 -15.62
N LYS C 59 1.27 2.90 -15.32
CA LYS C 59 1.27 1.44 -15.30
C LYS C 59 0.39 0.93 -14.23
N GLN C 60 0.44 1.61 -13.08
CA GLN C 60 -0.38 1.26 -12.00
C GLN C 60 -1.88 1.57 -12.26
N LEU C 61 -2.16 2.69 -12.94
CA LEU C 61 -3.52 3.07 -13.31
C LEU C 61 -4.07 2.04 -14.28
N ALA C 62 -3.23 1.57 -15.18
CA ALA C 62 -3.67 0.54 -16.16
C ALA C 62 -4.11 -0.74 -15.47
N GLN C 63 -3.42 -1.11 -14.37
CA GLN C 63 -3.81 -2.30 -13.63
C GLN C 63 -5.17 -2.09 -13.00
N ILE C 64 -5.35 -0.91 -12.37
CA ILE C 64 -6.65 -0.55 -11.76
C ILE C 64 -7.80 -0.51 -12.78
N ASP C 65 -7.52 0.05 -13.93
CA ASP C 65 -8.56 0.13 -15.00
C ASP C 65 -9.00 -1.26 -15.36
N GLY C 66 -8.05 -2.20 -15.41
CA GLY C 66 -8.33 -3.61 -15.83
C GLY C 66 -9.15 -4.34 -14.82
N THR C 67 -8.83 -4.11 -13.55
CA THR C 67 -9.60 -4.67 -12.43
C THR C 67 -11.03 -4.11 -12.39
N LEU C 68 -11.18 -2.80 -12.63
CA LEU C 68 -12.54 -2.17 -12.60
C LEU C 68 -13.39 -2.71 -13.65
N SER C 69 -12.80 -2.97 -14.81
CA SER C 69 -13.55 -3.45 -15.95
C SER C 69 -14.00 -4.89 -15.74
N THR C 70 -13.25 -5.64 -14.91
CA THR C 70 -13.64 -7.04 -14.52
C THR C 70 -14.87 -7.04 -13.64
N ILE C 71 -14.95 -6.07 -12.73
CA ILE C 71 -15.94 -6.06 -11.70
C ILE C 71 -17.40 -6.14 -12.23
N GLU C 72 -17.68 -5.46 -13.32
CA GLU C 72 -19.02 -5.50 -13.87
C GLU C 72 -19.44 -6.92 -14.35
N PHE C 73 -18.48 -7.69 -14.86
CA PHE C 73 -18.73 -9.07 -15.23
C PHE C 73 -18.82 -9.94 -14.00
N GLN C 74 -17.95 -9.66 -13.04
CA GLN C 74 -17.99 -10.37 -11.79
C GLN C 74 -19.33 -10.20 -11.10
N ARG C 75 -19.89 -9.00 -11.21
CA ARG C 75 -21.23 -8.72 -10.62
C ARG C 75 -22.33 -9.61 -11.23
N GLU C 76 -22.18 -9.90 -12.51
CA GLU C 76 -23.09 -10.75 -13.25
C GLU C 76 -23.04 -12.20 -12.73
N ALA C 77 -21.91 -12.55 -12.13
CA ALA C 77 -21.57 -13.93 -11.88
C ALA C 77 -22.05 -14.42 -10.53
N LEU C 78 -22.48 -13.47 -9.69
CA LEU C 78 -22.66 -13.75 -8.26
C LEU C 78 -23.79 -14.76 -8.01
N MET D 3 1.63 -14.86 -23.16
CA MET D 3 1.13 -13.70 -22.36
C MET D 3 -0.07 -14.08 -21.51
N GLU D 4 -0.83 -15.08 -21.96
CA GLU D 4 -1.67 -15.88 -21.07
C GLU D 4 -0.85 -16.38 -19.86
N GLN D 5 0.28 -17.04 -20.15
CA GLN D 5 1.13 -17.64 -19.12
C GLN D 5 1.54 -16.60 -18.07
N GLU D 6 2.03 -15.47 -18.54
CA GLU D 6 2.72 -14.54 -17.68
C GLU D 6 1.79 -13.44 -17.12
N ALA D 7 0.62 -13.25 -17.74
CA ALA D 7 -0.45 -12.48 -17.10
C ALA D 7 -1.01 -13.22 -15.91
N ILE D 8 -1.27 -14.51 -16.07
CA ILE D 8 -1.76 -15.34 -14.94
C ILE D 8 -0.75 -15.39 -13.79
N GLN D 9 0.53 -15.51 -14.12
CA GLN D 9 1.57 -15.55 -13.10
C GLN D 9 1.70 -14.23 -12.29
N ARG D 10 1.62 -13.08 -12.98
CA ARG D 10 1.58 -11.77 -12.29
C ARG D 10 0.36 -11.61 -11.35
N LEU D 11 -0.79 -12.13 -11.77
CA LEU D 11 -1.96 -12.15 -10.92
C LEU D 11 -1.73 -13.02 -9.73
N ARG D 12 -1.03 -14.14 -9.92
CA ARG D 12 -0.73 -15.04 -8.82
C ARG D 12 0.24 -14.41 -7.87
N ASP D 13 1.15 -13.59 -8.39
CA ASP D 13 2.08 -12.85 -7.52
C ASP D 13 1.30 -11.86 -6.64
N THR D 14 0.39 -11.13 -7.26
CA THR D 14 -0.44 -10.15 -6.54
C THR D 14 -1.29 -10.84 -5.47
N GLU D 15 -1.85 -11.99 -5.81
CA GLU D 15 -2.59 -12.80 -4.86
C GLU D 15 -1.73 -13.19 -3.68
N GLU D 16 -0.48 -13.59 -3.96
CA GLU D 16 0.44 -14.04 -2.92
C GLU D 16 0.76 -12.89 -1.99
N MET D 17 0.93 -11.69 -2.58
N MET D 17 0.92 -11.70 -2.58
CA MET D 17 1.17 -10.47 -1.80
CA MET D 17 1.18 -10.49 -1.80
C MET D 17 -0.02 -10.17 -0.88
C MET D 17 -0.01 -10.15 -0.89
N LEU D 18 -1.23 -10.28 -1.42
CA LEU D 18 -2.41 -9.92 -0.67
C LEU D 18 -2.65 -10.92 0.46
N SER D 19 -2.34 -12.17 0.19
CA SER D 19 -2.44 -13.21 1.19
C SER D 19 -1.42 -13.01 2.36
N LYS D 20 -0.18 -12.67 2.01
CA LYS D 20 0.85 -12.38 3.00
C LYS D 20 0.49 -11.16 3.88
N LYS D 21 -0.16 -10.16 3.27
CA LYS D 21 -0.69 -9.05 4.05
C LYS D 21 -1.77 -9.45 5.02
N GLN D 22 -2.62 -10.37 4.59
CA GLN D 22 -3.68 -10.87 5.49
C GLN D 22 -3.09 -11.67 6.63
N GLU D 23 -2.00 -12.40 6.36
CA GLU D 23 -1.22 -13.08 7.43
C GLU D 23 -0.73 -12.07 8.50
N PHE D 24 -0.18 -10.95 8.03
N PHE D 24 -0.15 -10.95 8.04
CA PHE D 24 0.28 -9.88 8.92
CA PHE D 24 0.31 -9.92 8.98
C PHE D 24 -0.85 -9.35 9.79
C PHE D 24 -0.85 -9.34 9.82
N LEU D 25 -2.00 -9.09 9.17
CA LEU D 25 -3.15 -8.54 9.87
C LEU D 25 -3.68 -9.53 10.91
N GLU D 26 -3.77 -10.79 10.52
CA GLU D 26 -4.32 -11.81 11.39
C GLU D 26 -3.42 -12.00 12.64
N LYS D 27 -2.11 -11.88 12.45
CA LYS D 27 -1.18 -11.93 13.59
C LYS D 27 -1.39 -10.75 14.55
N LYS D 28 -1.59 -9.52 13.99
CA LYS D 28 -1.95 -8.35 14.84
C LYS D 28 -3.31 -8.52 15.57
N ILE D 29 -4.26 -9.15 14.90
N ILE D 29 -4.25 -9.18 14.92
CA ILE D 29 -5.57 -9.44 15.52
CA ILE D 29 -5.59 -9.43 15.50
C ILE D 29 -5.38 -10.38 16.69
C ILE D 29 -5.48 -10.43 16.65
N GLU D 30 -4.69 -11.47 16.44
CA GLU D 30 -4.42 -12.45 17.49
C GLU D 30 -3.64 -11.81 18.65
N GLN D 31 -2.74 -10.88 18.33
CA GLN D 31 -1.96 -10.19 19.37
C GLN D 31 -2.84 -9.29 20.25
N GLU D 32 -3.85 -8.67 19.67
CA GLU D 32 -4.78 -7.85 20.47
C GLU D 32 -5.61 -8.75 21.41
N LEU D 33 -6.12 -9.86 20.87
CA LEU D 33 -6.93 -10.83 21.66
C LEU D 33 -6.10 -11.42 22.78
N THR D 34 -4.85 -11.73 22.50
CA THR D 34 -3.94 -12.25 23.51
C THR D 34 -3.67 -11.22 24.64
N ALA D 35 -3.41 -9.97 24.25
CA ALA D 35 -3.10 -8.90 25.21
C ALA D 35 -4.29 -8.54 26.11
N ALA D 36 -5.50 -8.60 25.54
CA ALA D 36 -6.72 -8.36 26.33
C ALA D 36 -6.86 -9.37 27.44
N LYS D 37 -6.51 -10.64 27.15
CA LYS D 37 -6.61 -11.73 28.17
C LYS D 37 -5.51 -11.62 29.22
N LYS D 38 -4.31 -11.21 28.76
CA LYS D 38 -3.11 -11.14 29.61
C LYS D 38 -3.00 -9.75 30.28
N HIS D 39 -4.14 -9.19 30.67
CA HIS D 39 -4.17 -7.83 31.24
C HIS D 39 -4.95 -7.76 32.54
N GLY D 40 -5.95 -8.64 32.67
CA GLY D 40 -6.80 -8.66 33.89
C GLY D 40 -7.97 -7.67 33.81
N THR D 41 -7.91 -6.64 34.67
CA THR D 41 -8.92 -5.55 34.65
C THR D 41 -8.32 -4.22 35.11
N LYS D 42 -8.25 -3.26 34.21
CA LYS D 42 -7.57 -1.99 34.48
C LYS D 42 -8.31 -0.78 33.89
N ASN D 43 -8.27 -0.64 32.56
CA ASN D 43 -8.65 0.62 31.95
C ASN D 43 -9.63 0.50 30.84
N LYS D 44 -10.79 1.14 31.01
CA LYS D 44 -11.83 1.13 29.98
C LYS D 44 -11.38 1.83 28.70
N ARG D 45 -10.69 2.97 28.84
CA ARG D 45 -10.18 3.70 27.66
C ARG D 45 -9.29 2.79 26.83
N ALA D 46 -8.33 2.15 27.48
CA ALA D 46 -7.41 1.24 26.82
C ALA D 46 -8.15 0.07 26.15
N ALA D 47 -9.10 -0.51 26.88
CA ALA D 47 -9.87 -1.66 26.36
C ALA D 47 -10.59 -1.31 25.08
N LEU D 48 -11.27 -0.16 25.08
CA LEU D 48 -12.04 0.26 23.93
C LEU D 48 -11.13 0.53 22.72
N GLN D 49 -10.01 1.24 22.94
CA GLN D 49 -9.04 1.48 21.84
C GLN D 49 -8.46 0.17 21.27
N ALA D 50 -8.16 -0.80 22.14
CA ALA D 50 -7.67 -2.12 21.67
C ALA D 50 -8.73 -2.83 20.80
N LEU D 51 -9.97 -2.71 21.19
CA LEU D 51 -11.05 -3.34 20.44
C LEU D 51 -11.24 -2.64 19.14
N LYS D 52 -11.18 -1.31 19.16
CA LYS D 52 -11.28 -0.54 17.93
C LYS D 52 -10.14 -0.88 16.98
N ARG D 53 -8.95 -1.14 17.53
CA ARG D 53 -7.79 -1.48 16.69
C ARG D 53 -8.00 -2.83 16.03
N LYS D 54 -8.46 -3.81 16.84
CA LYS D 54 -8.80 -5.12 16.32
C LYS D 54 -9.77 -5.02 15.15
N LYS D 55 -10.82 -4.20 15.32
CA LYS D 55 -11.85 -4.04 14.29
C LYS D 55 -11.31 -3.39 13.02
N ARG D 56 -10.36 -2.45 13.20
CA ARG D 56 -9.73 -1.74 12.06
C ARG D 56 -9.01 -2.78 11.24
N TYR D 57 -8.31 -3.67 11.92
CA TYR D 57 -7.56 -4.73 11.23
C TYR D 57 -8.48 -5.72 10.55
N GLU D 58 -9.57 -6.08 11.22
CA GLU D 58 -10.59 -6.94 10.60
C GLU D 58 -11.14 -6.35 9.31
N LYS D 59 -11.36 -5.03 9.31
CA LYS D 59 -11.94 -4.35 8.14
C LYS D 59 -10.98 -4.39 6.99
N GLN D 60 -9.71 -4.19 7.28
CA GLN D 60 -8.67 -4.31 6.20
C GLN D 60 -8.53 -5.76 5.67
N LEU D 61 -8.61 -6.73 6.58
CA LEU D 61 -8.54 -8.10 6.18
C LEU D 61 -9.72 -8.38 5.23
N ALA D 62 -10.90 -7.85 5.58
CA ALA D 62 -12.09 -8.01 4.73
C ALA D 62 -11.94 -7.30 3.39
N GLN D 63 -11.37 -6.10 3.41
CA GLN D 63 -11.18 -5.32 2.15
C GLN D 63 -10.27 -6.12 1.19
N ILE D 64 -9.23 -6.70 1.74
CA ILE D 64 -8.34 -7.50 0.92
C ILE D 64 -9.04 -8.76 0.36
N ASP D 65 -9.99 -9.34 1.11
CA ASP D 65 -10.73 -10.52 0.58
C ASP D 65 -11.57 -10.08 -0.63
N GLY D 66 -12.09 -8.84 -0.59
CA GLY D 66 -12.82 -8.27 -1.75
C GLY D 66 -11.88 -8.17 -2.94
N THR D 67 -10.69 -7.60 -2.73
CA THR D 67 -9.70 -7.49 -3.83
C THR D 67 -9.31 -8.85 -4.39
N LEU D 68 -9.10 -9.81 -3.50
CA LEU D 68 -8.80 -11.18 -3.93
C LEU D 68 -9.88 -11.79 -4.79
N SER D 69 -11.14 -11.56 -4.41
N SER D 69 -11.15 -11.56 -4.43
CA SER D 69 -12.24 -12.09 -5.19
CA SER D 69 -12.24 -12.12 -5.22
C SER D 69 -12.19 -11.64 -6.64
C SER D 69 -12.22 -11.63 -6.66
N THR D 70 -11.90 -10.36 -6.85
CA THR D 70 -11.87 -9.81 -8.18
C THR D 70 -10.67 -10.33 -8.98
N ILE D 71 -9.51 -10.45 -8.32
CA ILE D 71 -8.30 -11.03 -8.95
C ILE D 71 -8.53 -12.49 -9.36
N GLU D 72 -9.23 -13.26 -8.52
CA GLU D 72 -9.59 -14.64 -8.86
C GLU D 72 -10.48 -14.71 -10.06
N PHE D 73 -11.47 -13.84 -10.12
CA PHE D 73 -12.32 -13.77 -11.30
C PHE D 73 -11.51 -13.39 -12.55
N GLN D 74 -10.61 -12.44 -12.38
CA GLN D 74 -9.74 -12.01 -13.51
C GLN D 74 -8.90 -13.17 -13.95
N ARG D 75 -8.44 -13.97 -12.99
CA ARG D 75 -7.58 -15.14 -13.27
C ARG D 75 -8.35 -16.19 -14.09
N GLU D 76 -9.61 -16.37 -13.75
CA GLU D 76 -10.45 -17.33 -14.45
C GLU D 76 -10.69 -16.92 -15.89
N ALA D 77 -10.83 -15.62 -16.10
CA ALA D 77 -11.11 -15.07 -17.43
C ALA D 77 -9.90 -15.23 -18.37
N LEU D 78 -8.74 -15.56 -17.82
CA LEU D 78 -7.51 -15.68 -18.63
C LEU D 78 -7.17 -17.14 -18.95
N GLU D 79 -7.88 -18.06 -18.33
CA GLU D 79 -7.57 -19.45 -18.53
C GLU D 79 -8.41 -20.07 -19.64
#